data_3H5T
#
_entry.id   3H5T
#
_cell.length_a   68.065
_cell.length_b   102.677
_cell.length_c   120.107
_cell.angle_alpha   90.00
_cell.angle_beta   90.00
_cell.angle_gamma   90.00
#
_symmetry.space_group_name_H-M   'P 21 21 2'
#
loop_
_entity.id
_entity.type
_entity.pdbx_description
1 polymer 'Transcriptional regulator, LacI family'
2 water water
#
_entity_poly.entity_id   1
_entity_poly.type   'polypeptide(L)'
_entity_poly.pdbx_seq_one_letter_code
;MSLGRKQQYGTLASIAAKLGISRTTVSNAYNRPEQLSAELRQRILDTAEDMGYLGPDPVARSLRTRRAGAIGVLLTEDLT
YAFEDMASVDFLAGVAQAAGDTQLTLIPASPASSVDHVSAQQLVNNAAVDGVVIYSVAKGDPHIDAIRARGLPAVIADQP
AREEGMPFIAPNNRKAIAPAAQALIDAGHRKIGILSIRLDRANNDGEVTRERLENAQYQVQRDRVRGAMEVFIEAGIDPG
TVPIMECWINNRQHNFEVAKELLETHPDLTAVLCTVDALAFGVLEYLKSVGKSAPADLSLTGFDGTHMALARDLTTVIQP
NKLKGFKAGETLLKMIDKEYVEPEVELETSFHPGSTVAEGHHHHHH
;
_entity_poly.pdbx_strand_id   A
#
# COMPACT_ATOMS: atom_id res chain seq x y z
N GLN A 7 1.86 -25.24 -5.90
CA GLN A 7 2.04 -26.44 -6.79
C GLN A 7 3.51 -26.84 -6.87
N GLN A 8 4.32 -25.93 -7.40
CA GLN A 8 5.75 -26.15 -7.55
C GLN A 8 6.15 -26.95 -8.78
N TYR A 9 7.14 -26.40 -9.48
CA TYR A 9 7.71 -26.94 -10.70
C TYR A 9 8.11 -28.42 -10.64
N GLY A 10 7.91 -29.11 -11.76
CA GLY A 10 8.27 -30.52 -11.87
C GLY A 10 7.41 -31.52 -11.14
N THR A 11 6.20 -31.13 -10.76
CA THR A 11 5.28 -32.01 -10.04
C THR A 11 5.02 -33.35 -10.72
N LEU A 12 4.74 -33.33 -12.02
CA LEU A 12 4.48 -34.57 -12.73
C LEU A 12 5.72 -35.47 -12.77
N ALA A 13 6.90 -34.87 -12.93
CA ALA A 13 8.14 -35.63 -12.98
C ALA A 13 8.42 -36.29 -11.61
N SER A 14 8.10 -35.59 -10.52
CA SER A 14 8.29 -36.13 -9.17
C SER A 14 7.40 -37.35 -8.98
N ILE A 15 6.13 -37.24 -9.37
CA ILE A 15 5.19 -38.34 -9.28
C ILE A 15 5.70 -39.54 -10.08
N ALA A 16 6.20 -39.29 -11.28
CA ALA A 16 6.73 -40.37 -12.10
C ALA A 16 7.93 -41.02 -11.43
N ALA A 17 8.82 -40.18 -10.90
CA ALA A 17 10.03 -40.66 -10.23
C ALA A 17 9.71 -41.51 -9.02
N LYS A 18 8.77 -41.05 -8.21
CA LYS A 18 8.40 -41.82 -7.01
C LYS A 18 7.82 -43.19 -7.39
N LEU A 19 7.23 -43.29 -8.58
CA LEU A 19 6.62 -44.55 -9.02
C LEU A 19 7.42 -45.31 -10.07
N GLY A 20 8.57 -44.76 -10.46
CA GLY A 20 9.37 -45.42 -11.46
C GLY A 20 8.71 -45.50 -12.83
N ILE A 21 7.86 -44.53 -13.16
CA ILE A 21 7.23 -44.50 -14.47
C ILE A 21 7.62 -43.21 -15.19
N SER A 22 7.05 -42.96 -16.36
CA SER A 22 7.37 -41.75 -17.12
C SER A 22 6.45 -40.59 -16.76
N ARG A 23 6.90 -39.36 -17.05
CA ARG A 23 6.05 -38.22 -16.75
C ARG A 23 4.81 -38.26 -17.64
N THR A 24 4.97 -38.82 -18.84
CA THR A 24 3.83 -38.94 -19.76
C THR A 24 2.84 -39.94 -19.17
N THR A 25 3.37 -40.95 -18.48
CA THR A 25 2.53 -41.96 -17.84
C THR A 25 1.62 -41.23 -16.86
N VAL A 26 2.22 -40.37 -16.04
CA VAL A 26 1.49 -39.58 -15.05
C VAL A 26 0.47 -38.67 -15.71
N SER A 27 0.88 -38.04 -16.81
CA SER A 27 -0.02 -37.15 -17.55
C SER A 27 -1.25 -37.91 -18.06
N ASN A 28 -1.04 -39.07 -18.67
CA ASN A 28 -2.14 -39.88 -19.18
C ASN A 28 -3.17 -40.14 -18.10
N ALA A 29 -2.69 -40.30 -16.87
CA ALA A 29 -3.57 -40.55 -15.75
C ALA A 29 -4.61 -39.42 -15.67
N TYR A 30 -4.20 -38.23 -16.09
CA TYR A 30 -5.07 -37.04 -16.05
C TYR A 30 -5.82 -36.72 -17.33
N ASN A 31 -5.13 -36.83 -18.48
CA ASN A 31 -5.71 -36.48 -19.78
C ASN A 31 -6.07 -37.61 -20.75
N ARG A 32 -5.54 -38.81 -20.51
CA ARG A 32 -5.79 -39.95 -21.38
C ARG A 32 -5.85 -41.23 -20.54
N PRO A 33 -6.86 -41.34 -19.65
CA PRO A 33 -7.08 -42.47 -18.75
C PRO A 33 -7.02 -43.82 -19.42
N GLU A 34 -7.58 -43.90 -20.63
CA GLU A 34 -7.62 -45.16 -21.37
C GLU A 34 -6.24 -45.73 -21.71
N GLN A 35 -5.20 -44.89 -21.65
CA GLN A 35 -3.84 -45.32 -21.98
C GLN A 35 -3.18 -46.19 -20.90
N LEU A 36 -3.84 -46.38 -19.76
CA LEU A 36 -3.28 -47.19 -18.70
C LEU A 36 -4.35 -47.93 -17.91
N SER A 37 -3.95 -48.94 -17.15
CA SER A 37 -4.90 -49.72 -16.36
C SER A 37 -5.56 -48.90 -15.25
N ALA A 38 -6.75 -49.34 -14.83
CA ALA A 38 -7.47 -48.64 -13.77
C ALA A 38 -6.65 -48.66 -12.47
N GLU A 39 -5.79 -49.64 -12.32
CA GLU A 39 -4.96 -49.76 -11.12
C GLU A 39 -3.78 -48.79 -11.08
N LEU A 40 -3.12 -48.56 -12.22
CA LEU A 40 -1.99 -47.63 -12.25
C LEU A 40 -2.50 -46.20 -12.22
N ARG A 41 -3.69 -45.97 -12.76
CA ARG A 41 -4.25 -44.62 -12.77
C ARG A 41 -4.55 -44.23 -11.33
N GLN A 42 -5.15 -45.16 -10.60
CA GLN A 42 -5.49 -44.92 -9.20
C GLN A 42 -4.22 -44.69 -8.37
N ARG A 43 -3.19 -45.49 -8.63
CA ARG A 43 -1.92 -45.33 -7.92
C ARG A 43 -1.30 -43.95 -8.18
N ILE A 44 -1.34 -43.51 -9.42
CA ILE A 44 -0.81 -42.20 -9.80
C ILE A 44 -1.62 -41.10 -9.12
N LEU A 45 -2.94 -41.26 -9.12
CA LEU A 45 -3.82 -40.29 -8.50
C LEU A 45 -3.63 -40.21 -6.98
N ASP A 46 -3.51 -41.36 -6.32
CA ASP A 46 -3.33 -41.39 -4.88
C ASP A 46 -1.96 -40.85 -4.51
N THR A 47 -0.95 -41.17 -5.30
CA THR A 47 0.40 -40.67 -5.05
C THR A 47 0.37 -39.14 -5.17
N ALA A 48 -0.46 -38.63 -6.07
CA ALA A 48 -0.58 -37.19 -6.26
C ALA A 48 -1.24 -36.61 -5.01
N GLU A 49 -2.20 -37.35 -4.47
CA GLU A 49 -2.91 -36.92 -3.28
C GLU A 49 -1.96 -36.83 -2.10
N ASP A 50 -1.15 -37.87 -1.90
CA ASP A 50 -0.18 -37.91 -0.81
C ASP A 50 0.76 -36.71 -0.89
N MET A 51 0.90 -36.19 -2.10
CA MET A 51 1.79 -35.07 -2.37
C MET A 51 1.11 -33.72 -2.22
N GLY A 52 -0.19 -33.74 -2.00
CA GLY A 52 -0.93 -32.50 -1.86
C GLY A 52 -1.24 -31.86 -3.20
N TYR A 53 -1.01 -32.61 -4.29
CA TYR A 53 -1.29 -32.10 -5.62
C TYR A 53 -2.73 -32.37 -6.01
N ALA A 68 -19.06 -19.20 -3.31
CA ALA A 68 -18.61 -18.67 -4.59
C ALA A 68 -19.31 -17.36 -4.91
N GLY A 69 -18.56 -16.26 -4.90
CA GLY A 69 -19.12 -14.94 -5.19
C GLY A 69 -18.03 -13.95 -5.59
N ALA A 70 -18.14 -12.71 -5.13
CA ALA A 70 -17.11 -11.70 -5.44
C ALA A 70 -16.91 -10.70 -4.33
N ILE A 71 -15.68 -10.20 -4.20
CA ILE A 71 -15.35 -9.20 -3.19
C ILE A 71 -14.82 -7.95 -3.89
N GLY A 72 -15.04 -6.79 -3.29
CA GLY A 72 -14.58 -5.55 -3.89
C GLY A 72 -13.50 -4.82 -3.10
N VAL A 73 -12.94 -3.78 -3.74
CA VAL A 73 -11.92 -2.95 -3.12
C VAL A 73 -12.24 -1.51 -3.52
N LEU A 74 -12.60 -0.70 -2.53
CA LEU A 74 -12.94 0.68 -2.79
C LEU A 74 -11.66 1.49 -2.80
N LEU A 75 -11.40 2.13 -3.94
CA LEU A 75 -10.21 2.94 -4.12
C LEU A 75 -10.65 4.38 -4.33
N THR A 76 -10.21 5.26 -3.44
CA THR A 76 -10.57 6.67 -3.55
C THR A 76 -9.57 7.37 -4.51
N GLU A 77 -9.27 6.67 -5.60
CA GLU A 77 -8.33 7.14 -6.64
C GLU A 77 -8.83 6.68 -8.00
N ASP A 78 -8.14 7.13 -9.05
CA ASP A 78 -8.47 6.70 -10.41
C ASP A 78 -8.13 5.21 -10.47
N LEU A 79 -8.94 4.45 -11.19
CA LEU A 79 -8.71 3.01 -11.34
C LEU A 79 -7.29 2.65 -11.75
N THR A 80 -6.59 3.59 -12.40
CA THR A 80 -5.22 3.36 -12.85
C THR A 80 -4.27 3.18 -11.66
N TYR A 81 -4.57 3.90 -10.59
CA TYR A 81 -3.78 3.86 -9.35
C TYR A 81 -3.51 2.42 -8.90
N ALA A 82 -4.53 1.56 -9.00
CA ALA A 82 -4.39 0.16 -8.59
C ALA A 82 -3.38 -0.62 -9.43
N PHE A 83 -2.91 -0.02 -10.53
CA PHE A 83 -1.95 -0.69 -11.39
C PHE A 83 -0.68 0.11 -11.64
N GLU A 84 -0.66 1.37 -11.23
CA GLU A 84 0.51 2.20 -11.46
C GLU A 84 1.22 2.65 -10.19
N ASP A 85 0.55 2.56 -9.04
CA ASP A 85 1.18 2.92 -7.78
C ASP A 85 1.68 1.57 -7.26
N MET A 86 2.98 1.31 -7.39
CA MET A 86 3.53 0.03 -6.98
C MET A 86 3.21 -0.43 -5.54
N ALA A 87 3.11 0.49 -4.59
CA ALA A 87 2.78 0.09 -3.22
C ALA A 87 1.39 -0.54 -3.20
N SER A 88 0.46 0.05 -3.96
CA SER A 88 -0.90 -0.45 -4.03
C SER A 88 -0.97 -1.76 -4.80
N VAL A 89 -0.09 -1.92 -5.80
CA VAL A 89 -0.09 -3.16 -6.56
C VAL A 89 0.43 -4.30 -5.69
N ASP A 90 1.30 -3.99 -4.73
CA ASP A 90 1.81 -5.02 -3.85
C ASP A 90 0.71 -5.36 -2.86
N PHE A 91 -0.06 -4.36 -2.47
CA PHE A 91 -1.17 -4.56 -1.54
C PHE A 91 -2.19 -5.48 -2.21
N LEU A 92 -2.63 -5.10 -3.40
CA LEU A 92 -3.62 -5.87 -4.16
C LEU A 92 -3.16 -7.31 -4.46
N ALA A 93 -1.86 -7.52 -4.62
CA ALA A 93 -1.36 -8.87 -4.87
C ALA A 93 -1.76 -9.66 -3.62
N GLY A 94 -1.62 -9.01 -2.47
CA GLY A 94 -1.95 -9.62 -1.21
C GLY A 94 -3.41 -9.96 -1.12
N VAL A 95 -4.28 -9.05 -1.57
CA VAL A 95 -5.71 -9.29 -1.54
C VAL A 95 -6.06 -10.35 -2.58
N ALA A 96 -5.27 -10.45 -3.63
CA ALA A 96 -5.51 -11.43 -4.67
C ALA A 96 -5.16 -12.82 -4.15
N GLN A 97 -4.18 -12.88 -3.26
CA GLN A 97 -3.74 -14.15 -2.67
C GLN A 97 -4.73 -14.69 -1.65
N ALA A 98 -5.40 -13.81 -0.92
CA ALA A 98 -6.38 -14.25 0.07
C ALA A 98 -7.58 -14.75 -0.71
N ALA A 99 -8.10 -13.90 -1.59
CA ALA A 99 -9.22 -14.27 -2.43
C ALA A 99 -8.60 -15.24 -3.41
N GLY A 100 -9.12 -16.47 -3.49
CA GLY A 100 -8.54 -17.42 -4.41
C GLY A 100 -9.20 -17.37 -5.76
N ASP A 101 -10.32 -18.07 -5.87
CA ASP A 101 -11.12 -18.14 -7.07
C ASP A 101 -12.25 -17.12 -6.98
N THR A 102 -12.08 -16.15 -6.09
CA THR A 102 -13.07 -15.10 -5.88
C THR A 102 -12.85 -13.92 -6.83
N GLN A 103 -13.90 -13.49 -7.50
CA GLN A 103 -13.81 -12.35 -8.41
C GLN A 103 -13.46 -11.15 -7.54
N LEU A 104 -12.56 -10.30 -8.03
CA LEU A 104 -12.13 -9.10 -7.30
C LEU A 104 -12.58 -7.87 -8.10
N THR A 105 -13.45 -7.07 -7.51
CA THR A 105 -13.98 -5.90 -8.18
C THR A 105 -13.44 -4.59 -7.63
N LEU A 106 -12.65 -3.90 -8.46
CA LEU A 106 -12.08 -2.61 -8.07
C LEU A 106 -13.15 -1.54 -8.28
N ILE A 107 -13.40 -0.76 -7.23
CA ILE A 107 -14.41 0.30 -7.26
C ILE A 107 -13.73 1.67 -7.18
N PRO A 108 -13.75 2.42 -8.28
CA PRO A 108 -13.14 3.76 -8.37
C PRO A 108 -14.02 4.83 -7.71
N ALA A 109 -13.60 5.35 -6.57
CA ALA A 109 -14.39 6.36 -5.89
C ALA A 109 -13.70 7.71 -5.97
N SER A 110 -14.44 8.73 -6.37
CA SER A 110 -13.85 10.06 -6.49
C SER A 110 -13.52 10.68 -5.13
N PRO A 111 -12.33 11.27 -5.01
CA PRO A 111 -11.87 11.91 -3.77
C PRO A 111 -12.21 13.40 -3.70
N ALA A 112 -12.91 13.90 -4.71
CA ALA A 112 -13.30 15.31 -4.80
C ALA A 112 -14.20 15.77 -3.66
N SER A 113 -14.02 17.02 -3.23
CA SER A 113 -14.82 17.57 -2.14
C SER A 113 -16.28 17.81 -2.53
N SER A 114 -16.58 17.66 -3.81
CA SER A 114 -17.93 17.88 -4.33
C SER A 114 -18.83 16.66 -4.18
N VAL A 115 -18.23 15.53 -3.83
CA VAL A 115 -19.01 14.30 -3.67
C VAL A 115 -19.91 14.37 -2.45
N ASP A 116 -21.18 14.06 -2.65
CA ASP A 116 -22.15 14.07 -1.56
C ASP A 116 -22.65 12.63 -1.36
N HIS A 117 -23.41 12.42 -0.30
CA HIS A 117 -23.90 11.10 0.02
C HIS A 117 -24.72 10.39 -1.05
N VAL A 118 -25.52 11.12 -1.83
CA VAL A 118 -26.29 10.45 -2.86
C VAL A 118 -25.38 9.90 -3.95
N SER A 119 -24.30 10.61 -4.24
CA SER A 119 -23.36 10.14 -5.26
C SER A 119 -22.64 8.89 -4.74
N ALA A 120 -22.13 8.98 -3.52
CA ALA A 120 -21.40 7.86 -2.92
C ALA A 120 -22.27 6.62 -2.74
N GLN A 121 -23.52 6.83 -2.33
CA GLN A 121 -24.44 5.73 -2.09
C GLN A 121 -24.88 5.02 -3.37
N GLN A 122 -24.90 5.72 -4.49
CA GLN A 122 -25.26 5.09 -5.76
C GLN A 122 -24.09 4.25 -6.26
N LEU A 123 -22.88 4.75 -6.02
CA LEU A 123 -21.70 4.01 -6.43
C LEU A 123 -21.67 2.71 -5.64
N VAL A 124 -21.76 2.85 -4.31
CA VAL A 124 -21.71 1.70 -3.40
C VAL A 124 -22.84 0.70 -3.54
N ASN A 125 -24.08 1.18 -3.71
CA ASN A 125 -25.21 0.25 -3.84
C ASN A 125 -25.20 -0.46 -5.19
N ASN A 126 -24.35 -0.02 -6.12
CA ASN A 126 -24.29 -0.67 -7.42
C ASN A 126 -23.02 -1.51 -7.57
N ALA A 127 -22.38 -1.80 -6.44
CA ALA A 127 -21.18 -2.64 -6.43
C ALA A 127 -21.70 -4.05 -6.17
N ALA A 128 -21.56 -4.93 -7.16
CA ALA A 128 -22.02 -6.31 -7.05
C ALA A 128 -21.07 -7.17 -6.25
N VAL A 129 -20.91 -6.85 -4.98
CA VAL A 129 -19.99 -7.60 -4.13
C VAL A 129 -20.60 -8.04 -2.81
N ASP A 130 -20.06 -9.11 -2.24
CA ASP A 130 -20.52 -9.64 -0.97
C ASP A 130 -19.75 -8.99 0.19
N GLY A 131 -18.69 -8.29 -0.15
CA GLY A 131 -17.88 -7.62 0.87
C GLY A 131 -16.94 -6.61 0.24
N VAL A 132 -16.39 -5.73 1.06
CA VAL A 132 -15.50 -4.71 0.53
C VAL A 132 -14.28 -4.42 1.40
N VAL A 133 -13.12 -4.33 0.75
CA VAL A 133 -11.88 -3.99 1.43
C VAL A 133 -11.72 -2.51 1.18
N ILE A 134 -11.82 -1.70 2.23
CA ILE A 134 -11.67 -0.27 2.05
C ILE A 134 -10.20 0.03 2.10
N TYR A 135 -9.70 0.59 1.01
CA TYR A 135 -8.28 0.88 0.92
C TYR A 135 -7.87 2.34 0.97
N SER A 136 -7.24 2.71 2.07
CA SER A 136 -6.70 4.06 2.24
C SER A 136 -7.68 5.17 1.89
N VAL A 137 -8.77 5.25 2.64
CA VAL A 137 -9.77 6.27 2.40
C VAL A 137 -9.75 7.29 3.53
N ALA A 138 -10.04 8.54 3.19
CA ALA A 138 -10.03 9.60 4.19
C ALA A 138 -11.07 9.36 5.29
N LYS A 139 -10.78 9.88 6.48
CA LYS A 139 -11.72 9.76 7.57
C LYS A 139 -12.83 10.72 7.15
N GLY A 140 -14.07 10.35 7.39
CA GLY A 140 -15.18 11.21 7.03
C GLY A 140 -15.57 11.13 5.56
N ASP A 141 -15.04 10.15 4.85
CA ASP A 141 -15.36 9.96 3.44
C ASP A 141 -16.80 9.44 3.32
N PRO A 142 -17.64 10.10 2.50
CA PRO A 142 -19.02 9.66 2.35
C PRO A 142 -19.20 8.23 1.86
N HIS A 143 -18.17 7.66 1.24
CA HIS A 143 -18.27 6.27 0.76
C HIS A 143 -18.29 5.31 1.94
N ILE A 144 -17.58 5.67 3.01
CA ILE A 144 -17.55 4.86 4.22
C ILE A 144 -18.98 4.77 4.76
N ASP A 145 -19.65 5.93 4.86
CA ASP A 145 -21.03 5.97 5.35
C ASP A 145 -21.97 5.22 4.42
N ALA A 146 -21.72 5.31 3.12
CA ALA A 146 -22.55 4.61 2.15
C ALA A 146 -22.44 3.10 2.35
N ILE A 147 -21.24 2.62 2.62
CA ILE A 147 -21.00 1.19 2.84
C ILE A 147 -21.70 0.72 4.13
N ARG A 148 -21.71 1.58 5.14
CA ARG A 148 -22.34 1.27 6.43
C ARG A 148 -23.86 1.22 6.27
N ALA A 149 -24.40 2.14 5.48
CA ALA A 149 -25.83 2.23 5.24
C ALA A 149 -26.33 1.02 4.46
N ARG A 150 -25.45 0.39 3.70
CA ARG A 150 -25.82 -0.79 2.92
C ARG A 150 -25.59 -2.05 3.78
N GLY A 151 -24.89 -1.89 4.90
CA GLY A 151 -24.63 -3.02 5.76
C GLY A 151 -23.71 -4.03 5.09
N LEU A 152 -22.78 -3.52 4.30
CA LEU A 152 -21.81 -4.36 3.57
C LEU A 152 -20.63 -4.72 4.46
N PRO A 153 -20.36 -6.02 4.65
CA PRO A 153 -19.22 -6.41 5.49
C PRO A 153 -17.98 -5.70 4.98
N ALA A 154 -17.25 -5.03 5.85
CA ALA A 154 -16.08 -4.32 5.39
C ALA A 154 -14.90 -4.30 6.34
N VAL A 155 -13.72 -4.31 5.74
CA VAL A 155 -12.47 -4.26 6.48
C VAL A 155 -11.73 -3.04 5.94
N ILE A 156 -11.04 -2.33 6.82
CA ILE A 156 -10.31 -1.14 6.41
C ILE A 156 -8.80 -1.34 6.47
N ALA A 157 -8.09 -0.87 5.46
CA ALA A 157 -6.63 -0.97 5.41
C ALA A 157 -6.01 0.43 5.36
N ASP A 158 -5.00 0.64 6.19
CA ASP A 158 -4.31 1.92 6.26
C ASP A 158 -5.12 3.04 6.92
N GLN A 159 -6.33 3.25 6.44
CA GLN A 159 -7.19 4.30 6.99
C GLN A 159 -8.58 4.17 6.35
N PRO A 160 -9.64 4.68 7.00
CA PRO A 160 -9.69 5.39 8.28
C PRO A 160 -9.73 4.47 9.49
N ALA A 161 -9.08 4.91 10.55
CA ALA A 161 -9.04 4.17 11.80
C ALA A 161 -10.29 4.49 12.62
N ARG A 162 -10.58 3.62 13.57
CA ARG A 162 -11.69 3.82 14.48
C ARG A 162 -13.09 3.92 13.86
N GLU A 163 -13.41 3.05 12.91
CA GLU A 163 -14.74 3.03 12.33
C GLU A 163 -15.42 1.86 13.03
N GLU A 164 -16.63 2.06 13.53
CA GLU A 164 -17.31 0.98 14.22
C GLU A 164 -17.74 -0.15 13.27
N GLY A 165 -17.54 -1.39 13.72
CA GLY A 165 -17.91 -2.55 12.92
C GLY A 165 -17.05 -2.82 11.70
N MET A 166 -15.91 -2.15 11.61
CA MET A 166 -15.01 -2.32 10.46
C MET A 166 -13.55 -2.61 10.86
N PRO A 167 -13.17 -3.91 10.93
CA PRO A 167 -11.81 -4.31 11.29
C PRO A 167 -10.77 -3.46 10.59
N PHE A 168 -9.69 -3.14 11.30
CA PHE A 168 -8.63 -2.26 10.81
C PHE A 168 -7.24 -2.90 10.79
N ILE A 169 -6.55 -2.77 9.66
CA ILE A 169 -5.21 -3.32 9.49
C ILE A 169 -4.26 -2.21 9.03
N ALA A 170 -3.23 -1.92 9.82
CA ALA A 170 -2.27 -0.89 9.45
C ALA A 170 -1.09 -0.81 10.42
N PRO A 171 0.01 -0.20 9.96
CA PRO A 171 1.18 -0.07 10.84
C PRO A 171 0.96 1.22 11.63
N ASN A 172 1.72 1.45 12.69
CA ASN A 172 1.60 2.68 13.45
C ASN A 172 2.47 3.67 12.68
N ASN A 173 1.83 4.58 11.96
CA ASN A 173 2.59 5.52 11.15
C ASN A 173 3.37 6.57 11.92
N ARG A 174 2.83 7.06 13.01
CA ARG A 174 3.54 8.06 13.79
C ARG A 174 4.85 7.43 14.22
N LYS A 175 4.80 6.14 14.56
CA LYS A 175 6.01 5.44 15.01
C LYS A 175 6.89 4.89 13.88
N ALA A 176 6.29 4.37 12.83
CA ALA A 176 7.04 3.81 11.71
C ALA A 176 7.94 4.81 11.01
N ILE A 177 7.56 6.09 11.03
CA ILE A 177 8.32 7.15 10.38
C ILE A 177 9.48 7.65 11.25
N ALA A 178 9.41 7.44 12.56
CA ALA A 178 10.47 7.91 13.44
C ALA A 178 11.89 7.57 12.97
N PRO A 179 12.16 6.29 12.65
CA PRO A 179 13.50 5.88 12.19
C PRO A 179 14.05 6.69 11.02
N ALA A 180 13.15 7.18 10.17
CA ALA A 180 13.55 7.96 9.01
C ALA A 180 13.93 9.40 9.38
N ALA A 181 13.09 10.07 10.16
CA ALA A 181 13.37 11.45 10.55
C ALA A 181 14.61 11.45 11.45
N GLN A 182 14.69 10.44 12.33
CA GLN A 182 15.83 10.31 13.23
C GLN A 182 17.12 10.16 12.46
N ALA A 183 17.10 9.31 11.43
CA ALA A 183 18.28 9.08 10.61
C ALA A 183 18.75 10.39 9.99
N LEU A 184 17.82 11.28 9.69
CA LEU A 184 18.16 12.56 9.09
C LEU A 184 18.83 13.45 10.13
N ILE A 185 18.32 13.40 11.36
CA ILE A 185 18.86 14.19 12.45
C ILE A 185 20.26 13.68 12.83
N ASP A 186 20.42 12.36 12.82
CA ASP A 186 21.70 11.76 13.17
C ASP A 186 22.82 12.11 12.19
N ALA A 187 22.46 12.59 11.01
CA ALA A 187 23.46 12.98 10.02
C ALA A 187 23.64 14.50 10.09
N GLY A 188 23.10 15.10 11.15
CA GLY A 188 23.25 16.53 11.36
C GLY A 188 22.43 17.48 10.51
N HIS A 189 21.38 16.98 9.85
CA HIS A 189 20.55 17.85 9.02
C HIS A 189 19.55 18.62 9.88
N ARG A 190 19.39 19.91 9.61
CA ARG A 190 18.46 20.75 10.36
C ARG A 190 17.57 21.54 9.42
N LYS A 191 18.03 21.75 8.20
CA LYS A 191 17.23 22.46 7.20
C LYS A 191 16.53 21.38 6.40
N ILE A 192 15.48 20.83 6.99
CA ILE A 192 14.72 19.74 6.38
C ILE A 192 13.37 20.16 5.82
N GLY A 193 13.01 19.58 4.68
CA GLY A 193 11.74 19.85 4.06
C GLY A 193 10.96 18.55 4.07
N ILE A 194 9.64 18.63 3.98
CA ILE A 194 8.79 17.44 3.98
C ILE A 194 7.87 17.43 2.77
N LEU A 195 7.63 16.25 2.20
CA LEU A 195 6.74 16.10 1.04
C LEU A 195 5.65 15.09 1.38
N SER A 196 4.42 15.38 0.97
CA SER A 196 3.29 14.49 1.23
C SER A 196 2.33 14.39 0.08
N ILE A 197 1.48 13.37 0.13
CA ILE A 197 0.45 13.21 -0.89
C ILE A 197 -0.85 13.71 -0.23
N ARG A 198 -1.99 13.51 -0.88
CA ARG A 198 -3.27 14.02 -0.38
C ARG A 198 -3.52 14.06 1.14
N LEU A 199 -3.73 15.27 1.66
CA LEU A 199 -3.98 15.46 3.08
C LEU A 199 -5.47 15.66 3.39
N ASP A 200 -6.26 16.10 2.40
CA ASP A 200 -7.68 16.34 2.61
C ASP A 200 -8.49 16.36 1.31
N ARG A 201 -9.82 16.45 1.43
CA ARG A 201 -10.71 16.48 0.26
C ARG A 201 -10.47 17.72 -0.60
N ALA A 202 -10.44 18.88 0.03
CA ALA A 202 -10.23 20.12 -0.71
C ALA A 202 -8.87 20.07 -1.38
N ASN A 203 -8.86 20.09 -2.71
CA ASN A 203 -7.64 20.05 -3.49
C ASN A 203 -6.61 21.07 -3.02
N ASN A 204 -5.35 20.66 -3.04
CA ASN A 204 -4.24 21.52 -2.64
C ASN A 204 -2.90 21.00 -3.14
N ASP A 205 -2.20 21.84 -3.90
CA ASP A 205 -0.88 21.51 -4.43
C ASP A 205 0.06 22.56 -3.86
N GLY A 206 1.30 22.16 -3.58
CA GLY A 206 2.26 23.10 -3.06
C GLY A 206 2.25 23.26 -1.54
N GLU A 207 2.58 24.47 -1.09
CA GLU A 207 2.63 24.77 0.34
C GLU A 207 1.45 24.22 1.13
N VAL A 208 1.74 23.62 2.27
CA VAL A 208 0.71 23.09 3.16
C VAL A 208 0.71 23.99 4.41
N THR A 209 -0.45 24.57 4.71
CA THR A 209 -0.56 25.44 5.88
C THR A 209 -0.84 24.65 7.14
N ARG A 210 -0.50 25.23 8.29
CA ARG A 210 -0.72 24.59 9.58
C ARG A 210 -2.17 24.15 9.71
N GLU A 211 -3.09 24.97 9.23
CA GLU A 211 -4.50 24.65 9.32
C GLU A 211 -4.85 23.41 8.51
N ARG A 212 -4.38 23.33 7.27
CA ARG A 212 -4.69 22.18 6.43
C ARG A 212 -4.15 20.91 7.06
N LEU A 213 -2.96 21.00 7.63
CA LEU A 213 -2.32 19.86 8.28
C LEU A 213 -3.09 19.40 9.50
N GLU A 214 -3.34 20.36 10.40
CA GLU A 214 -4.07 20.11 11.64
C GLU A 214 -5.47 19.52 11.44
N ASN A 215 -6.13 19.90 10.34
CA ASN A 215 -7.48 19.43 10.03
C ASN A 215 -7.48 18.30 8.99
N ALA A 216 -6.28 17.88 8.59
CA ALA A 216 -6.13 16.82 7.61
C ALA A 216 -6.95 15.58 7.99
N GLN A 217 -7.78 15.12 7.07
CA GLN A 217 -8.62 13.94 7.29
C GLN A 217 -7.93 12.68 6.76
N TYR A 218 -6.87 12.85 5.99
CA TYR A 218 -6.17 11.70 5.48
C TYR A 218 -5.11 11.31 6.50
N GLN A 219 -5.51 10.50 7.47
CA GLN A 219 -4.57 10.01 8.49
C GLN A 219 -3.51 9.29 7.66
N VAL A 220 -2.38 8.95 8.27
CA VAL A 220 -1.28 8.30 7.54
C VAL A 220 -0.41 9.47 7.09
N GLN A 221 -0.93 10.27 6.16
CA GLN A 221 -0.20 11.44 5.70
C GLN A 221 0.01 12.35 6.90
N ARG A 222 -1.10 12.73 7.54
CA ARG A 222 -1.06 13.59 8.70
C ARG A 222 -0.19 12.99 9.79
N ASP A 223 -0.37 11.70 10.06
CA ASP A 223 0.40 11.05 11.10
C ASP A 223 1.86 10.82 10.76
N ARG A 224 2.20 10.63 9.49
CA ARG A 224 3.60 10.43 9.15
C ARG A 224 4.31 11.78 9.19
N VAL A 225 3.57 12.85 8.91
CA VAL A 225 4.11 14.19 8.96
C VAL A 225 4.35 14.54 10.42
N ARG A 226 3.37 14.24 11.27
CA ARG A 226 3.44 14.50 12.71
C ARG A 226 4.59 13.75 13.40
N GLY A 227 4.65 12.44 13.17
CA GLY A 227 5.71 11.64 13.77
C GLY A 227 7.10 12.12 13.38
N ALA A 228 7.27 12.51 12.12
CA ALA A 228 8.57 12.99 11.66
C ALA A 228 8.86 14.31 12.36
N MET A 229 7.86 15.19 12.38
CA MET A 229 7.99 16.49 13.00
C MET A 229 8.27 16.38 14.50
N GLU A 230 7.76 15.34 15.14
CA GLU A 230 7.98 15.14 16.57
C GLU A 230 9.44 14.81 16.84
N VAL A 231 10.07 14.12 15.89
CA VAL A 231 11.48 13.78 16.04
C VAL A 231 12.36 14.99 15.77
N PHE A 232 11.89 15.90 14.92
CA PHE A 232 12.65 17.10 14.61
C PHE A 232 12.59 18.08 15.77
N ILE A 233 11.41 18.15 16.40
CA ILE A 233 11.20 19.04 17.54
C ILE A 233 12.14 18.65 18.68
N GLU A 234 12.25 17.36 18.94
CA GLU A 234 13.12 16.85 20.00
C GLU A 234 14.58 17.14 19.67
N ALA A 235 14.87 17.37 18.39
CA ALA A 235 16.22 17.67 17.95
C ALA A 235 16.51 19.16 18.15
N GLY A 236 15.45 19.93 18.32
CA GLY A 236 15.60 21.36 18.52
C GLY A 236 14.96 22.19 17.42
N ILE A 237 14.86 21.62 16.23
CA ILE A 237 14.26 22.32 15.10
C ILE A 237 12.87 22.89 15.44
N ASP A 238 12.62 24.12 15.04
CA ASP A 238 11.34 24.77 15.29
C ASP A 238 10.44 24.44 14.10
N PRO A 239 9.29 23.81 14.35
CA PRO A 239 8.30 23.40 13.35
C PRO A 239 7.97 24.42 12.26
N GLY A 240 7.90 25.70 12.63
CA GLY A 240 7.60 26.73 11.66
C GLY A 240 8.65 26.92 10.59
N THR A 241 9.86 26.39 10.82
CA THR A 241 10.95 26.53 9.85
C THR A 241 11.00 25.40 8.82
N VAL A 242 10.26 24.32 9.07
CA VAL A 242 10.26 23.17 8.18
C VAL A 242 9.12 23.23 7.14
N PRO A 243 9.45 23.60 5.90
CA PRO A 243 8.46 23.69 4.84
C PRO A 243 7.82 22.34 4.50
N ILE A 244 6.53 22.36 4.20
CA ILE A 244 5.78 21.14 3.88
C ILE A 244 4.95 21.31 2.61
N MET A 245 5.31 20.58 1.55
CA MET A 245 4.54 20.67 0.30
C MET A 245 3.82 19.37 -0.01
N GLU A 246 2.74 19.48 -0.77
CA GLU A 246 1.93 18.32 -1.13
C GLU A 246 1.47 18.30 -2.58
N CYS A 247 1.11 17.11 -3.06
CA CYS A 247 0.55 16.97 -4.40
C CYS A 247 -0.73 16.15 -4.21
N TRP A 248 -1.85 16.81 -4.46
CA TRP A 248 -3.15 16.18 -4.28
C TRP A 248 -3.27 14.87 -5.07
N ILE A 249 -2.77 14.86 -6.29
CA ILE A 249 -2.79 13.66 -7.13
C ILE A 249 -1.40 13.04 -7.07
N ASN A 250 -1.33 11.75 -6.77
CA ASN A 250 -0.05 11.07 -6.68
C ASN A 250 0.32 10.43 -8.03
N ASN A 251 1.07 11.17 -8.83
CA ASN A 251 1.54 10.75 -10.16
C ASN A 251 3.04 10.91 -10.28
N ARG A 252 3.60 10.34 -11.33
CA ARG A 252 5.02 10.46 -11.57
C ARG A 252 5.28 11.92 -11.93
N GLN A 253 4.35 12.53 -12.65
CA GLN A 253 4.46 13.92 -13.06
C GLN A 253 4.24 14.93 -11.93
N HIS A 254 3.29 14.65 -11.05
CA HIS A 254 3.01 15.53 -9.93
C HIS A 254 4.10 15.39 -8.86
N ASN A 255 4.62 14.18 -8.68
CA ASN A 255 5.67 13.95 -7.69
C ASN A 255 6.89 14.78 -8.08
N PHE A 256 7.13 14.87 -9.38
CA PHE A 256 8.24 15.63 -9.93
C PHE A 256 8.03 17.12 -9.67
N GLU A 257 6.89 17.63 -10.11
CA GLU A 257 6.54 19.02 -9.93
C GLU A 257 6.68 19.46 -8.48
N VAL A 258 5.94 18.81 -7.58
CA VAL A 258 5.99 19.18 -6.17
C VAL A 258 7.42 19.14 -5.61
N ALA A 259 8.28 18.31 -6.18
CA ALA A 259 9.66 18.22 -5.73
C ALA A 259 10.45 19.43 -6.25
N LYS A 260 10.19 19.81 -7.50
CA LYS A 260 10.86 20.94 -8.10
C LYS A 260 10.53 22.21 -7.33
N GLU A 261 9.23 22.43 -7.07
CA GLU A 261 8.80 23.62 -6.35
C GLU A 261 9.43 23.80 -4.97
N LEU A 262 9.50 22.71 -4.20
CA LEU A 262 10.06 22.76 -2.86
C LEU A 262 11.55 23.07 -2.82
N LEU A 263 12.31 22.43 -3.72
CA LEU A 263 13.76 22.62 -3.78
C LEU A 263 14.11 23.91 -4.48
N GLU A 264 13.22 24.38 -5.34
CA GLU A 264 13.39 25.60 -6.09
C GLU A 264 13.04 26.77 -5.17
N THR A 265 12.08 26.53 -4.28
CA THR A 265 11.63 27.55 -3.32
C THR A 265 12.53 27.66 -2.09
N HIS A 266 13.06 26.52 -1.64
CA HIS A 266 13.95 26.50 -0.48
C HIS A 266 15.26 25.80 -0.92
N PRO A 267 16.13 26.53 -1.64
CA PRO A 267 17.42 26.01 -2.14
C PRO A 267 18.43 25.69 -1.04
N ASP A 268 18.16 26.17 0.16
CA ASP A 268 19.05 25.94 1.30
C ASP A 268 18.86 24.59 1.98
N LEU A 269 17.76 23.90 1.67
CA LEU A 269 17.49 22.59 2.28
C LEU A 269 18.58 21.57 2.01
N THR A 270 18.94 20.81 3.04
CA THR A 270 19.97 19.79 2.93
C THR A 270 19.38 18.38 2.86
N ALA A 271 18.13 18.26 3.28
CA ALA A 271 17.45 16.96 3.27
C ALA A 271 15.95 17.09 3.06
N VAL A 272 15.34 16.04 2.50
CA VAL A 272 13.91 16.02 2.24
C VAL A 272 13.31 14.69 2.69
N LEU A 273 12.40 14.74 3.65
CA LEU A 273 11.74 13.53 4.13
C LEU A 273 10.39 13.37 3.45
N CYS A 274 10.21 12.25 2.76
CA CYS A 274 8.96 11.96 2.05
C CYS A 274 8.07 11.01 2.82
N THR A 275 6.78 11.20 2.66
CA THR A 275 5.77 10.39 3.32
C THR A 275 5.54 9.08 2.56
N VAL A 276 5.97 9.05 1.30
CA VAL A 276 5.80 7.86 0.47
C VAL A 276 6.94 7.75 -0.57
N ASP A 277 7.43 6.53 -0.81
CA ASP A 277 8.53 6.31 -1.76
C ASP A 277 8.33 7.04 -3.10
N ALA A 278 7.11 7.04 -3.60
CA ALA A 278 6.81 7.70 -4.88
C ALA A 278 7.36 9.12 -4.88
N LEU A 279 7.12 9.83 -3.78
CA LEU A 279 7.59 11.21 -3.64
C LEU A 279 9.11 11.29 -3.69
N ALA A 280 9.76 10.32 -3.08
CA ALA A 280 11.23 10.30 -3.07
C ALA A 280 11.72 10.16 -4.51
N PHE A 281 11.05 9.36 -5.32
CA PHE A 281 11.47 9.18 -6.70
C PHE A 281 11.24 10.43 -7.54
N GLY A 282 10.26 11.24 -7.14
CA GLY A 282 10.00 12.47 -7.85
C GLY A 282 11.13 13.43 -7.53
N VAL A 283 11.72 13.26 -6.35
CA VAL A 283 12.82 14.09 -5.89
C VAL A 283 14.11 13.67 -6.59
N LEU A 284 14.22 12.38 -6.92
CA LEU A 284 15.40 11.86 -7.60
C LEU A 284 15.33 12.22 -9.08
N GLU A 285 14.14 12.10 -9.65
CA GLU A 285 13.95 12.44 -11.05
C GLU A 285 14.15 13.94 -11.21
N TYR A 286 13.90 14.70 -10.16
CA TYR A 286 14.08 16.15 -10.22
C TYR A 286 15.56 16.52 -10.06
N LEU A 287 16.21 15.96 -9.05
CA LEU A 287 17.63 16.24 -8.84
C LEU A 287 18.37 15.94 -10.14
N LYS A 288 18.00 14.82 -10.76
CA LYS A 288 18.61 14.37 -12.01
C LYS A 288 18.46 15.35 -13.17
N SER A 289 17.35 16.09 -13.20
CA SER A 289 17.11 17.05 -14.28
C SER A 289 17.98 18.29 -14.16
N VAL A 290 18.55 18.51 -12.98
CA VAL A 290 19.40 19.67 -12.74
C VAL A 290 20.86 19.28 -12.48
N GLY A 291 21.21 18.06 -12.87
CA GLY A 291 22.58 17.59 -12.70
C GLY A 291 22.98 17.11 -11.32
N LYS A 292 22.12 17.29 -10.33
CA LYS A 292 22.43 16.85 -8.98
C LYS A 292 21.96 15.42 -8.74
N SER A 293 22.31 14.86 -7.59
CA SER A 293 21.92 13.49 -7.24
C SER A 293 21.85 13.40 -5.72
N ALA A 294 21.51 12.21 -5.21
CA ALA A 294 21.40 12.00 -3.77
C ALA A 294 22.20 10.79 -3.29
N PRO A 295 22.91 10.92 -2.16
CA PRO A 295 23.02 12.09 -1.28
C PRO A 295 23.76 13.22 -2.01
N ALA A 296 25.04 13.39 -1.69
CA ALA A 296 25.85 14.42 -2.34
C ALA A 296 25.22 15.81 -2.29
N ASP A 297 24.20 16.02 -3.13
CA ASP A 297 23.51 17.29 -3.18
C ASP A 297 22.31 17.38 -2.23
N LEU A 298 21.71 16.23 -1.93
CA LEU A 298 20.55 16.22 -1.04
C LEU A 298 20.30 14.85 -0.42
N SER A 299 19.96 14.82 0.86
CA SER A 299 19.67 13.57 1.55
C SER A 299 18.15 13.41 1.57
N LEU A 300 17.66 12.25 1.15
CA LEU A 300 16.22 12.03 1.13
C LEU A 300 15.83 10.68 1.71
N THR A 301 14.64 10.62 2.30
CA THR A 301 14.12 9.40 2.90
C THR A 301 12.76 9.07 2.27
N GLY A 302 12.41 7.79 2.28
CA GLY A 302 11.14 7.38 1.72
C GLY A 302 10.34 6.58 2.73
N PHE A 303 9.22 6.00 2.28
CA PHE A 303 8.37 5.19 3.13
C PHE A 303 7.53 4.27 2.24
N ASP A 304 7.64 2.97 2.48
CA ASP A 304 6.94 1.89 1.77
C ASP A 304 7.84 0.69 1.53
N GLY A 305 8.97 0.93 0.87
CA GLY A 305 9.90 -0.14 0.58
C GLY A 305 9.55 -0.90 -0.69
N THR A 306 9.05 -0.19 -1.70
CA THR A 306 8.69 -0.82 -2.96
C THR A 306 9.94 -1.41 -3.60
N HIS A 307 9.74 -2.35 -4.52
CA HIS A 307 10.83 -3.02 -5.23
C HIS A 307 11.82 -2.03 -5.84
N MET A 308 11.30 -0.95 -6.42
CA MET A 308 12.16 0.07 -7.02
C MET A 308 12.95 0.81 -5.94
N ALA A 309 12.33 1.06 -4.79
CA ALA A 309 13.03 1.76 -3.71
C ALA A 309 14.26 0.95 -3.29
N LEU A 310 14.06 -0.34 -3.08
CA LEU A 310 15.14 -1.22 -2.67
C LEU A 310 16.26 -1.40 -3.72
N ALA A 311 15.90 -1.33 -5.00
CA ALA A 311 16.88 -1.48 -6.07
C ALA A 311 17.83 -0.27 -6.09
N ARG A 312 17.29 0.91 -5.78
CA ARG A 312 18.07 2.13 -5.74
C ARG A 312 18.72 2.21 -4.36
N ASP A 313 18.32 1.29 -3.50
CA ASP A 313 18.82 1.25 -2.13
C ASP A 313 18.53 2.59 -1.49
N LEU A 314 17.27 3.00 -1.58
CA LEU A 314 16.80 4.26 -1.01
C LEU A 314 16.64 4.10 0.49
N THR A 315 17.00 5.12 1.26
CA THR A 315 16.81 5.06 2.70
C THR A 315 15.30 5.16 2.84
N THR A 316 14.68 4.22 3.54
CA THR A 316 13.23 4.23 3.65
C THR A 316 12.68 3.29 4.73
N VAL A 317 11.37 3.35 4.95
CA VAL A 317 10.69 2.50 5.95
C VAL A 317 10.02 1.35 5.21
N ILE A 318 10.43 0.11 5.49
CA ILE A 318 9.81 -1.01 4.80
C ILE A 318 8.49 -1.41 5.44
N GLN A 319 7.46 -1.45 4.61
CA GLN A 319 6.12 -1.82 5.04
C GLN A 319 5.68 -3.07 4.26
N PRO A 320 5.24 -4.10 4.98
CA PRO A 320 4.81 -5.34 4.31
C PRO A 320 3.43 -5.19 3.66
N ASN A 321 3.41 -4.52 2.50
CA ASN A 321 2.16 -4.28 1.78
C ASN A 321 1.43 -5.50 1.25
N LYS A 322 2.16 -6.52 0.82
CA LYS A 322 1.49 -7.70 0.30
C LYS A 322 0.79 -8.41 1.46
N LEU A 323 1.46 -8.45 2.61
CA LEU A 323 0.91 -9.12 3.78
C LEU A 323 -0.32 -8.34 4.26
N LYS A 324 -0.23 -7.01 4.18
CA LYS A 324 -1.34 -6.15 4.59
C LYS A 324 -2.57 -6.44 3.76
N GLY A 325 -2.34 -6.72 2.48
CA GLY A 325 -3.44 -7.03 1.59
C GLY A 325 -3.98 -8.42 1.84
N PHE A 326 -3.07 -9.37 2.11
CA PHE A 326 -3.49 -10.74 2.39
C PHE A 326 -4.34 -10.78 3.64
N LYS A 327 -3.88 -10.11 4.70
CA LYS A 327 -4.66 -10.10 5.94
C LYS A 327 -5.99 -9.39 5.72
N ALA A 328 -5.97 -8.37 4.87
CA ALA A 328 -7.19 -7.61 4.57
C ALA A 328 -8.23 -8.53 3.96
N GLY A 329 -7.90 -9.14 2.83
CA GLY A 329 -8.81 -10.05 2.16
C GLY A 329 -9.24 -11.21 3.04
N GLU A 330 -8.30 -11.80 3.77
CA GLU A 330 -8.61 -12.91 4.67
C GLU A 330 -9.59 -12.48 5.73
N THR A 331 -9.34 -11.32 6.33
CA THR A 331 -10.21 -10.80 7.35
C THR A 331 -11.61 -10.63 6.77
N LEU A 332 -11.68 -10.12 5.54
CA LEU A 332 -12.98 -9.91 4.90
C LEU A 332 -13.70 -11.24 4.73
N LEU A 333 -13.04 -12.22 4.12
CA LEU A 333 -13.64 -13.52 3.90
C LEU A 333 -14.11 -14.16 5.21
N LYS A 334 -13.31 -14.09 6.27
CA LYS A 334 -13.72 -14.64 7.56
C LYS A 334 -14.95 -13.91 8.08
N MET A 335 -15.05 -12.62 7.79
CA MET A 335 -16.20 -11.81 8.23
C MET A 335 -17.46 -12.32 7.53
N ILE A 336 -17.38 -12.46 6.21
CA ILE A 336 -18.49 -12.93 5.40
C ILE A 336 -18.87 -14.36 5.79
N ASP A 337 -17.89 -15.11 6.27
CA ASP A 337 -18.14 -16.49 6.68
C ASP A 337 -18.46 -16.57 8.18
N LYS A 338 -18.89 -15.44 8.74
CA LYS A 338 -19.25 -15.35 10.16
C LYS A 338 -18.16 -15.82 11.11
N GLU A 339 -16.91 -15.71 10.70
CA GLU A 339 -15.80 -16.11 11.55
C GLU A 339 -15.33 -14.92 12.38
N TYR A 340 -14.54 -15.21 13.42
CA TYR A 340 -14.02 -14.17 14.29
C TYR A 340 -12.79 -13.51 13.68
N VAL A 341 -12.71 -12.20 13.80
CA VAL A 341 -11.58 -11.44 13.30
C VAL A 341 -11.21 -10.41 14.38
N GLU A 342 -9.95 -10.03 14.44
CA GLU A 342 -9.52 -9.06 15.42
C GLU A 342 -9.97 -7.68 14.94
N PRO A 343 -10.51 -6.85 15.85
CA PRO A 343 -10.95 -5.52 15.41
C PRO A 343 -9.80 -4.65 14.91
N GLU A 344 -8.64 -4.77 15.52
CA GLU A 344 -7.48 -3.98 15.11
C GLU A 344 -6.19 -4.80 15.10
N VAL A 345 -5.40 -4.63 14.05
CA VAL A 345 -4.13 -5.31 13.90
C VAL A 345 -3.08 -4.30 13.48
N GLU A 346 -1.93 -4.31 14.16
CA GLU A 346 -0.86 -3.39 13.86
C GLU A 346 0.23 -4.10 13.07
N LEU A 347 0.48 -3.64 11.85
CA LEU A 347 1.52 -4.26 11.04
C LEU A 347 2.85 -3.66 11.42
N GLU A 348 3.87 -4.50 11.52
CA GLU A 348 5.20 -4.03 11.88
C GLU A 348 5.94 -3.58 10.63
N THR A 349 6.79 -2.58 10.80
CA THR A 349 7.60 -2.07 9.70
C THR A 349 9.05 -2.23 10.16
N SER A 350 9.99 -2.01 9.24
CA SER A 350 11.40 -2.10 9.59
C SER A 350 12.14 -1.06 8.77
N PHE A 351 13.04 -0.33 9.42
CA PHE A 351 13.79 0.70 8.74
C PHE A 351 14.83 0.10 7.81
N HIS A 352 15.09 0.77 6.70
CA HIS A 352 16.07 0.31 5.71
C HIS A 352 17.12 1.41 5.57
N PRO A 353 18.23 1.31 6.35
CA PRO A 353 19.31 2.30 6.32
C PRO A 353 19.60 2.87 4.93
N GLY A 354 19.61 2.00 3.93
CA GLY A 354 19.84 2.45 2.57
C GLY A 354 21.12 3.20 2.28
N SER A 355 21.13 3.96 1.19
CA SER A 355 22.31 4.71 0.79
C SER A 355 22.04 6.14 0.31
N THR A 356 21.16 6.85 1.02
CA THR A 356 20.85 8.23 0.70
C THR A 356 20.97 9.00 2.01
N VAL A 357 21.94 8.56 2.82
CA VAL A 357 22.26 9.10 4.15
C VAL A 357 23.17 10.33 4.07
N ALA A 358 24.47 10.14 4.29
CA ALA A 358 25.45 11.23 4.22
C ALA A 358 25.18 12.37 5.20
#